data_1DCQ
#
_entry.id   1DCQ
#
_cell.length_a   73.935
_cell.length_b   132.208
_cell.length_c   59.817
_cell.angle_alpha   90.00
_cell.angle_beta   90.00
_cell.angle_gamma   90.00
#
_symmetry.space_group_name_H-M   'C 2 2 21'
#
loop_
_entity.id
_entity.type
_entity.pdbx_description
1 polymer 'PYK2-ASSOCIATED PROTEIN BETA'
2 non-polymer 'ZINC ION'
3 water water
#
_entity_poly.entity_id   1
_entity_poly.type   'polypeptide(L)'
_entity_poly.pdbx_seq_one_letter_code
;MELTKEIISEVQRMTGNDVCCDCGAPDPTWLSTNLGILTCIECSGIHRELGVHYSRMQSLTLDVLGTSELLLAKNIGNAG
FNEIMECCLPSEDPVKPNPGSDMIARKDYITAKYMERRYARKKHADTAAKLHSLCEAVKTRDIFGLLQAYADGVDLTEKI
PLANGHEPDETALHLAVRSVDRTSLHIVDFLVQNSGNLDKQTGKGSTALHYCCLTDNAECLKLLLRGKASIEIANESGET
PLDIAKRLKHEHCEELLTQALSGRFNSHVHVEYEWRLL
;
_entity_poly.pdbx_strand_id   A
#
# COMPACT_ATOMS: atom_id res chain seq x y z
N LEU A 3 13.54 -5.98 16.39
CA LEU A 3 13.07 -6.32 15.01
C LEU A 3 12.49 -5.09 14.31
N THR A 4 11.35 -4.63 14.82
CA THR A 4 10.72 -3.46 14.26
C THR A 4 11.70 -2.30 14.40
N LYS A 5 12.47 -2.30 15.48
CA LYS A 5 13.43 -1.23 15.72
C LYS A 5 14.53 -1.30 14.69
N GLU A 6 14.96 -2.51 14.34
CA GLU A 6 16.02 -2.61 13.35
C GLU A 6 15.55 -2.17 11.95
N ILE A 7 14.28 -2.39 11.64
CA ILE A 7 13.72 -2.02 10.34
C ILE A 7 13.59 -0.49 10.32
N ILE A 8 13.20 0.08 11.45
CA ILE A 8 13.03 1.52 11.54
C ILE A 8 14.35 2.27 11.37
N SER A 9 15.42 1.74 11.96
CA SER A 9 16.71 2.40 11.83
C SER A 9 17.16 2.31 10.38
N GLU A 10 16.79 1.19 9.74
CA GLU A 10 17.12 1.00 8.33
C GLU A 10 16.35 2.03 7.52
N VAL A 11 15.05 2.15 7.80
CA VAL A 11 14.21 3.09 7.09
C VAL A 11 14.74 4.52 7.27
N GLN A 12 15.18 4.85 8.49
CA GLN A 12 15.69 6.18 8.74
C GLN A 12 17.01 6.43 8.02
N ARG A 13 17.78 5.37 7.76
CA ARG A 13 19.07 5.53 7.09
C ARG A 13 18.98 5.52 5.57
N MET A 14 17.79 5.24 5.02
CA MET A 14 17.66 5.21 3.57
C MET A 14 18.03 6.57 2.97
N THR A 15 18.84 6.52 1.92
CA THR A 15 19.26 7.74 1.26
C THR A 15 18.02 8.53 0.84
N GLY A 16 17.89 9.77 1.30
CA GLY A 16 16.74 10.59 0.97
C GLY A 16 15.72 10.68 2.09
N ASN A 17 15.80 9.78 3.06
CA ASN A 17 14.87 9.80 4.18
C ASN A 17 15.36 10.70 5.31
N ASP A 18 16.40 11.48 5.04
CA ASP A 18 16.94 12.40 6.04
C ASP A 18 16.29 13.78 5.98
N VAL A 19 15.40 13.96 5.02
CA VAL A 19 14.67 15.24 4.88
C VAL A 19 13.16 14.99 4.68
N CYS A 20 12.34 15.84 5.26
CA CYS A 20 10.89 15.71 5.13
C CYS A 20 10.51 15.66 3.65
N CYS A 21 9.71 14.67 3.29
CA CYS A 21 9.26 14.48 1.92
C CYS A 21 8.61 15.73 1.30
N ASP A 22 7.89 16.50 2.12
CA ASP A 22 7.17 17.68 1.64
C ASP A 22 7.74 19.06 1.94
N CYS A 23 8.72 19.20 2.85
CA CYS A 23 9.25 20.54 3.10
C CYS A 23 10.76 20.60 3.28
N GLY A 24 11.43 19.46 3.32
CA GLY A 24 12.87 19.44 3.48
C GLY A 24 13.41 19.49 4.91
N ALA A 25 12.52 19.67 5.89
CA ALA A 25 12.93 19.74 7.30
C ALA A 25 13.81 18.51 7.61
N PRO A 26 14.92 18.71 8.34
CA PRO A 26 15.75 17.53 8.62
C PRO A 26 15.17 16.50 9.59
N ASP A 27 15.57 15.24 9.39
CA ASP A 27 15.15 14.13 10.26
C ASP A 27 13.65 13.96 10.46
N PRO A 28 12.92 13.67 9.36
CA PRO A 28 11.48 13.47 9.48
C PRO A 28 11.22 12.18 10.24
N THR A 29 10.22 12.19 11.14
CA THR A 29 9.91 10.99 11.91
C THR A 29 8.46 10.54 11.78
N TRP A 30 7.69 11.18 10.90
CA TRP A 30 6.31 10.76 10.71
C TRP A 30 6.16 9.97 9.41
N LEU A 31 5.66 8.76 9.56
CA LEU A 31 5.47 7.85 8.46
C LEU A 31 4.05 7.78 7.92
N SER A 32 3.95 7.87 6.60
CA SER A 32 2.67 7.72 5.91
C SER A 32 2.80 6.25 5.48
N THR A 33 2.18 5.34 6.24
CA THR A 33 2.30 3.92 5.99
C THR A 33 1.83 3.43 4.63
N ASN A 34 0.79 4.04 4.06
CA ASN A 34 0.33 3.60 2.74
C ASN A 34 1.20 4.14 1.59
N LEU A 35 2.04 5.14 1.86
CA LEU A 35 2.90 5.72 0.82
C LEU A 35 4.40 5.45 0.98
N GLY A 36 4.81 4.94 2.14
CA GLY A 36 6.22 4.66 2.37
C GLY A 36 7.13 5.87 2.46
N ILE A 37 6.61 7.00 2.93
CA ILE A 37 7.41 8.22 3.04
C ILE A 37 7.43 8.82 4.44
N LEU A 38 8.44 9.67 4.71
CA LEU A 38 8.61 10.30 6.01
C LEU A 38 8.50 11.84 5.97
N THR A 39 7.76 12.41 6.93
CA THR A 39 7.57 13.86 7.02
C THR A 39 7.86 14.41 8.41
N CYS A 40 7.98 15.74 8.51
CA CYS A 40 8.20 16.42 9.79
C CYS A 40 6.83 16.43 10.45
N ILE A 41 6.77 16.85 11.71
CA ILE A 41 5.49 16.86 12.42
C ILE A 41 4.48 17.85 11.86
N GLU A 42 4.95 18.99 11.37
CA GLU A 42 4.05 20.00 10.82
C GLU A 42 3.33 19.51 9.57
N CYS A 43 4.09 18.99 8.61
CA CYS A 43 3.47 18.47 7.40
C CYS A 43 2.59 17.27 7.77
N SER A 44 3.01 16.52 8.79
CA SER A 44 2.26 15.36 9.24
C SER A 44 0.85 15.77 9.60
N GLY A 45 0.72 16.92 10.26
CA GLY A 45 -0.59 17.42 10.63
C GLY A 45 -1.52 17.60 9.44
N ILE A 46 -0.99 18.05 8.29
CA ILE A 46 -1.85 18.25 7.11
C ILE A 46 -2.28 16.91 6.53
N HIS A 47 -1.33 15.97 6.45
CA HIS A 47 -1.63 14.65 5.93
C HIS A 47 -2.82 14.04 6.72
N ARG A 48 -2.82 14.20 8.04
CA ARG A 48 -3.93 13.67 8.86
C ARG A 48 -5.28 14.18 8.37
N GLU A 49 -5.32 15.44 7.95
CA GLU A 49 -6.54 16.05 7.46
C GLU A 49 -7.02 15.48 6.12
N LEU A 50 -6.08 14.96 5.32
CA LEU A 50 -6.45 14.40 4.04
C LEU A 50 -7.38 13.19 4.19
N GLY A 51 -7.21 12.45 5.27
CA GLY A 51 -8.03 11.27 5.49
C GLY A 51 -7.28 10.01 5.10
N VAL A 52 -7.63 8.89 5.74
CA VAL A 52 -6.98 7.61 5.48
C VAL A 52 -7.00 7.14 4.01
N HIS A 53 -7.92 7.67 3.21
CA HIS A 53 -7.99 7.31 1.79
C HIS A 53 -6.84 7.96 1.02
N TYR A 54 -6.03 8.74 1.72
CA TYR A 54 -4.90 9.39 1.07
C TYR A 54 -3.57 9.19 1.78
N SER A 55 -3.58 9.26 3.11
CA SER A 55 -2.35 9.12 3.88
C SER A 55 -2.63 8.74 5.34
N ARG A 56 -2.04 7.62 5.78
CA ARG A 56 -2.23 7.13 7.14
C ARG A 56 -0.95 7.35 7.92
N MET A 57 -0.96 8.37 8.77
CA MET A 57 0.20 8.75 9.56
C MET A 57 0.42 7.99 10.85
N GLN A 58 1.68 7.85 11.21
CA GLN A 58 2.12 7.17 12.44
C GLN A 58 3.53 7.68 12.72
N SER A 59 3.84 7.88 14.00
CA SER A 59 5.19 8.32 14.34
C SER A 59 6.09 7.10 14.27
N LEU A 60 7.17 7.24 13.50
CA LEU A 60 8.13 6.17 13.30
C LEU A 60 8.94 5.84 14.55
N THR A 61 9.25 6.86 15.35
CA THR A 61 10.05 6.68 16.55
C THR A 61 9.27 6.72 17.86
N LEU A 62 8.02 7.18 17.81
CA LEU A 62 7.24 7.25 19.04
C LEU A 62 6.14 6.21 19.13
N ASP A 63 5.54 5.88 17.99
CA ASP A 63 4.46 4.90 17.98
C ASP A 63 4.89 3.46 17.81
N VAL A 64 4.03 2.56 18.30
CA VAL A 64 4.26 1.13 18.22
C VAL A 64 3.71 0.67 16.86
N LEU A 65 4.50 -0.08 16.11
CA LEU A 65 4.06 -0.52 14.79
C LEU A 65 4.24 -2.02 14.51
N GLY A 66 3.31 -2.58 13.74
CA GLY A 66 3.41 -3.97 13.35
C GLY A 66 4.36 -3.94 12.17
N THR A 67 5.20 -4.96 11.99
CA THR A 67 6.13 -4.88 10.86
C THR A 67 5.40 -4.75 9.52
N SER A 68 4.13 -5.14 9.46
CA SER A 68 3.40 -5.03 8.20
C SER A 68 3.22 -3.57 7.79
N GLU A 69 3.34 -2.66 8.75
CA GLU A 69 3.15 -1.25 8.46
C GLU A 69 4.44 -0.60 7.96
N LEU A 70 5.51 -1.40 7.88
CA LEU A 70 6.80 -0.91 7.41
C LEU A 70 7.19 -1.49 6.07
N LEU A 71 6.31 -2.28 5.49
CA LEU A 71 6.61 -2.89 4.20
C LEU A 71 6.87 -1.80 3.15
N LEU A 72 6.02 -0.79 3.13
CA LEU A 72 6.16 0.26 2.15
C LEU A 72 7.30 1.21 2.45
N ALA A 73 7.49 1.54 3.73
CA ALA A 73 8.58 2.44 4.15
C ALA A 73 9.90 1.83 3.68
N LYS A 74 10.04 0.52 3.88
CA LYS A 74 11.25 -0.21 3.51
C LYS A 74 11.53 -0.27 2.00
N ASN A 75 10.47 -0.26 1.21
CA ASN A 75 10.58 -0.38 -0.24
C ASN A 75 10.41 0.88 -1.08
N ILE A 76 9.91 1.95 -0.49
CA ILE A 76 9.72 3.19 -1.26
C ILE A 76 10.69 4.29 -0.84
N GLY A 77 10.35 5.07 0.19
CA GLY A 77 11.26 6.11 0.63
C GLY A 77 11.07 7.44 -0.09
N ASN A 78 11.38 8.54 0.59
CA ASN A 78 11.19 9.89 0.05
C ASN A 78 11.78 10.17 -1.33
N ALA A 79 13.06 9.87 -1.50
CA ALA A 79 13.72 10.12 -2.78
C ALA A 79 12.95 9.47 -3.92
N GLY A 80 12.76 8.15 -3.84
CA GLY A 80 12.05 7.41 -4.86
C GLY A 80 10.63 7.90 -5.09
N PHE A 81 9.92 8.18 -4.02
CA PHE A 81 8.56 8.67 -4.10
C PHE A 81 8.52 10.02 -4.83
N ASN A 82 9.34 10.96 -4.36
CA ASN A 82 9.36 12.32 -4.95
C ASN A 82 9.85 12.34 -6.38
N GLU A 83 10.64 11.35 -6.75
CA GLU A 83 11.15 11.27 -8.10
C GLU A 83 9.91 11.21 -9.02
N ILE A 84 8.87 10.52 -8.55
CA ILE A 84 7.64 10.41 -9.31
C ILE A 84 6.64 11.52 -8.97
N MET A 85 6.37 11.71 -7.68
CA MET A 85 5.38 12.70 -7.25
C MET A 85 5.73 14.20 -7.36
N GLU A 86 7.01 14.52 -7.50
CA GLU A 86 7.45 15.92 -7.62
C GLU A 86 8.23 16.09 -8.91
N CYS A 87 8.05 15.14 -9.82
CA CYS A 87 8.72 15.14 -11.09
C CYS A 87 8.47 16.45 -11.87
N CYS A 88 7.26 16.96 -11.79
CA CYS A 88 6.92 18.18 -12.51
C CYS A 88 6.73 19.40 -11.61
N LEU A 89 7.61 19.54 -10.62
CA LEU A 89 7.56 20.68 -9.70
C LEU A 89 7.96 21.91 -10.53
N PRO A 90 7.21 23.03 -10.40
CA PRO A 90 7.52 24.27 -11.16
C PRO A 90 9.00 24.67 -11.18
N SER A 91 9.42 25.25 -12.30
CA SER A 91 10.81 25.69 -12.49
C SER A 91 11.19 26.94 -11.68
N GLU A 92 10.95 28.12 -12.24
CA GLU A 92 11.29 29.36 -11.54
C GLU A 92 10.22 29.82 -10.54
N ASP A 93 9.38 28.89 -10.11
CA ASP A 93 8.32 29.19 -9.15
C ASP A 93 8.43 28.25 -7.94
N PRO A 94 9.26 28.61 -6.96
CA PRO A 94 9.51 27.85 -5.72
C PRO A 94 8.22 27.52 -4.96
N VAL A 95 7.47 26.56 -5.48
CA VAL A 95 6.20 26.15 -4.89
C VAL A 95 6.34 25.27 -3.63
N LYS A 96 7.34 24.40 -3.61
CA LYS A 96 7.54 23.51 -2.46
C LYS A 96 7.90 24.26 -1.17
N PRO A 97 7.17 23.99 -0.07
CA PRO A 97 7.45 24.66 1.20
C PRO A 97 8.85 24.32 1.72
N ASN A 98 9.36 25.15 2.62
CA ASN A 98 10.68 24.92 3.21
C ASN A 98 10.44 24.73 4.72
N PRO A 99 11.47 24.31 5.46
CA PRO A 99 11.26 24.12 6.91
C PRO A 99 10.64 25.29 7.66
N GLY A 100 10.81 26.52 7.16
CA GLY A 100 10.21 27.64 7.87
C GLY A 100 8.80 28.05 7.42
N SER A 101 8.20 27.32 6.47
CA SER A 101 6.87 27.65 5.95
C SER A 101 5.71 27.50 6.93
N ASP A 102 4.71 28.39 6.84
CA ASP A 102 3.55 28.29 7.74
C ASP A 102 2.56 27.20 7.33
N MET A 103 1.62 26.89 8.22
CA MET A 103 0.62 25.86 7.98
C MET A 103 -0.24 26.07 6.74
N ILE A 104 -0.58 27.32 6.44
CA ILE A 104 -1.39 27.62 5.26
C ILE A 104 -0.61 27.21 4.02
N ALA A 105 0.68 27.50 4.00
CA ALA A 105 1.50 27.15 2.84
C ALA A 105 1.69 25.62 2.69
N ARG A 106 1.90 24.92 3.79
CA ARG A 106 2.08 23.46 3.72
C ARG A 106 0.78 22.80 3.27
N LYS A 107 -0.33 23.31 3.79
CA LYS A 107 -1.64 22.81 3.46
C LYS A 107 -1.93 22.94 1.96
N ASP A 108 -1.58 24.07 1.36
CA ASP A 108 -1.84 24.26 -0.08
C ASP A 108 -1.00 23.32 -0.92
N TYR A 109 0.28 23.22 -0.58
CA TYR A 109 1.19 22.34 -1.30
C TYR A 109 0.83 20.85 -1.14
N ILE A 110 0.65 20.42 0.11
CA ILE A 110 0.33 19.03 0.37
C ILE A 110 -0.97 18.61 -0.31
N THR A 111 -1.96 19.51 -0.36
CA THR A 111 -3.22 19.20 -1.02
C THR A 111 -2.99 19.00 -2.53
N ALA A 112 -2.26 19.93 -3.14
CA ALA A 112 -1.97 19.87 -4.57
C ALA A 112 -1.12 18.67 -4.93
N LYS A 113 -0.11 18.42 -4.10
CA LYS A 113 0.81 17.30 -4.32
C LYS A 113 0.14 15.92 -4.22
N TYR A 114 -0.59 15.68 -3.13
CA TYR A 114 -1.23 14.38 -2.93
C TYR A 114 -2.67 14.21 -3.44
N MET A 115 -3.53 15.20 -3.20
CA MET A 115 -4.92 15.10 -3.65
C MET A 115 -5.00 15.30 -5.14
N GLU A 116 -4.43 16.42 -5.60
CA GLU A 116 -4.47 16.76 -7.02
C GLU A 116 -3.40 16.06 -7.85
N ARG A 117 -2.27 15.70 -7.24
CA ARG A 117 -1.17 15.06 -7.97
C ARG A 117 -0.68 16.05 -9.04
N ARG A 118 -0.73 17.33 -8.68
CA ARG A 118 -0.32 18.42 -9.57
C ARG A 118 1.12 18.36 -10.03
N TYR A 119 1.99 17.75 -9.24
CA TYR A 119 3.41 17.71 -9.59
C TYR A 119 3.93 16.36 -10.00
N ALA A 120 3.04 15.37 -10.08
CA ALA A 120 3.48 14.05 -10.47
C ALA A 120 3.67 13.94 -11.97
N ARG A 121 4.54 13.03 -12.37
CA ARG A 121 4.76 12.80 -13.77
C ARG A 121 3.55 12.01 -14.20
N LYS A 122 2.81 12.54 -15.16
CA LYS A 122 1.67 11.81 -15.67
C LYS A 122 2.33 10.96 -16.74
N LYS A 123 2.47 9.66 -16.51
CA LYS A 123 3.14 8.83 -17.48
C LYS A 123 2.29 8.32 -18.64
N HIS A 124 1.33 7.45 -18.36
CA HIS A 124 0.55 6.86 -19.42
C HIS A 124 -0.58 7.60 -20.11
N ALA A 125 -0.71 7.23 -21.38
CA ALA A 125 -1.71 7.75 -22.29
C ALA A 125 -3.10 7.20 -21.93
N ASP A 126 -3.49 7.40 -20.68
CA ASP A 126 -4.82 7.02 -20.22
C ASP A 126 -5.29 5.58 -20.10
N THR A 127 -6.39 5.46 -19.36
CA THR A 127 -7.09 4.23 -19.04
C THR A 127 -6.48 2.91 -19.51
N ALA A 128 -6.75 2.54 -20.75
CA ALA A 128 -6.23 1.29 -21.27
C ALA A 128 -4.77 1.09 -20.89
N ALA A 129 -3.94 2.07 -21.24
CA ALA A 129 -2.52 2.01 -20.94
C ALA A 129 -2.26 1.90 -19.45
N LYS A 130 -2.88 2.79 -18.68
CA LYS A 130 -2.72 2.77 -17.23
C LYS A 130 -2.92 1.37 -16.63
N LEU A 131 -4.02 0.71 -16.99
CA LEU A 131 -4.33 -0.62 -16.46
C LEU A 131 -3.31 -1.66 -16.87
N HIS A 132 -2.84 -1.55 -18.10
CA HIS A 132 -1.84 -2.49 -18.59
C HIS A 132 -0.52 -2.31 -17.84
N SER A 133 -0.14 -1.07 -17.55
CA SER A 133 1.12 -0.85 -16.84
C SER A 133 0.98 -1.36 -15.40
N LEU A 134 -0.18 -1.17 -14.80
CA LEU A 134 -0.44 -1.64 -13.45
C LEU A 134 -0.28 -3.15 -13.41
N CYS A 135 -0.83 -3.81 -14.41
CA CYS A 135 -0.75 -5.27 -14.51
C CYS A 135 0.70 -5.73 -14.59
N GLU A 136 1.46 -5.07 -15.47
CA GLU A 136 2.88 -5.41 -15.65
C GLU A 136 3.68 -5.14 -14.36
N ALA A 137 3.40 -4.01 -13.70
CA ALA A 137 4.08 -3.64 -12.47
C ALA A 137 3.92 -4.76 -11.43
N VAL A 138 2.73 -5.34 -11.36
CA VAL A 138 2.50 -6.43 -10.43
C VAL A 138 3.24 -7.69 -10.85
N LYS A 139 3.13 -8.06 -12.13
CA LYS A 139 3.82 -9.26 -12.61
C LYS A 139 5.32 -9.15 -12.40
N THR A 140 5.89 -7.96 -12.58
CA THR A 140 7.33 -7.83 -12.39
C THR A 140 7.71 -7.41 -10.97
N ARG A 141 6.72 -7.28 -10.08
CA ARG A 141 6.99 -6.91 -8.70
C ARG A 141 7.80 -5.62 -8.63
N ASP A 142 7.36 -4.61 -9.35
CA ASP A 142 8.02 -3.33 -9.38
C ASP A 142 7.18 -2.30 -8.61
N ILE A 143 7.55 -2.07 -7.38
CA ILE A 143 6.82 -1.13 -6.52
C ILE A 143 6.70 0.27 -7.08
N PHE A 144 7.74 0.73 -7.79
CA PHE A 144 7.67 2.08 -8.34
C PHE A 144 6.76 2.12 -9.57
N GLY A 145 6.57 0.95 -10.17
CA GLY A 145 5.66 0.85 -11.30
C GLY A 145 4.26 0.97 -10.73
N LEU A 146 4.02 0.38 -9.55
CA LEU A 146 2.71 0.50 -8.93
C LEU A 146 2.51 1.96 -8.55
N LEU A 147 3.55 2.56 -7.98
CA LEU A 147 3.47 3.97 -7.56
C LEU A 147 3.15 4.88 -8.73
N GLN A 148 3.70 4.59 -9.91
CA GLN A 148 3.45 5.41 -11.09
C GLN A 148 1.98 5.30 -11.53
N ALA A 149 1.45 4.07 -11.50
CA ALA A 149 0.07 3.84 -11.88
C ALA A 149 -0.77 4.71 -10.96
N TYR A 150 -0.42 4.71 -9.67
CA TYR A 150 -1.16 5.50 -8.70
C TYR A 150 -0.97 7.00 -9.00
N ALA A 151 0.21 7.41 -9.46
CA ALA A 151 0.42 8.83 -9.78
C ALA A 151 -0.43 9.21 -11.00
N ASP A 152 -0.56 8.27 -11.94
CA ASP A 152 -1.38 8.50 -13.13
C ASP A 152 -2.85 8.48 -12.74
N GLY A 153 -3.14 8.16 -11.49
CA GLY A 153 -4.52 8.11 -11.03
C GLY A 153 -5.34 6.89 -11.44
N VAL A 154 -4.68 5.76 -11.65
CA VAL A 154 -5.38 4.54 -12.03
C VAL A 154 -6.32 4.06 -10.92
N ASP A 155 -7.39 3.36 -11.30
CA ASP A 155 -8.32 2.80 -10.31
C ASP A 155 -7.73 1.42 -9.98
N LEU A 156 -7.07 1.33 -8.82
CA LEU A 156 -6.43 0.08 -8.41
C LEU A 156 -7.37 -1.11 -8.25
N THR A 157 -8.68 -0.86 -8.20
CA THR A 157 -9.66 -1.94 -8.06
C THR A 157 -10.29 -2.35 -9.38
N GLU A 158 -9.86 -1.70 -10.46
CA GLU A 158 -10.41 -2.04 -11.77
C GLU A 158 -9.84 -3.35 -12.29
N LYS A 159 -10.61 -4.01 -13.15
CA LYS A 159 -10.16 -5.27 -13.74
C LYS A 159 -8.95 -4.96 -14.62
N ILE A 160 -7.99 -5.88 -14.68
CA ILE A 160 -6.79 -5.66 -15.50
C ILE A 160 -6.78 -6.54 -16.76
N PRO A 161 -6.16 -6.03 -17.84
CA PRO A 161 -6.05 -6.75 -19.12
C PRO A 161 -5.16 -7.97 -18.99
N LEU A 162 -5.61 -8.95 -18.21
CA LEU A 162 -4.84 -10.16 -17.97
C LEU A 162 -5.32 -11.24 -18.94
N ALA A 163 -4.37 -11.85 -19.66
CA ALA A 163 -4.66 -12.88 -20.66
C ALA A 163 -4.88 -14.31 -20.16
N ASN A 164 -4.17 -14.72 -19.11
CA ASN A 164 -4.34 -16.08 -18.60
C ASN A 164 -4.61 -16.12 -17.11
N GLY A 165 -5.52 -15.26 -16.65
CA GLY A 165 -5.86 -15.22 -15.24
C GLY A 165 -6.48 -16.51 -14.74
N HIS A 166 -6.40 -16.74 -13.43
CA HIS A 166 -6.97 -17.94 -12.82
C HIS A 166 -8.50 -17.96 -12.92
N GLU A 167 -9.11 -16.81 -12.71
CA GLU A 167 -10.55 -16.68 -12.83
C GLU A 167 -10.79 -15.38 -13.61
N PRO A 168 -11.91 -15.27 -14.33
CA PRO A 168 -12.14 -14.03 -15.09
C PRO A 168 -12.37 -12.78 -14.24
N ASP A 169 -11.95 -11.64 -14.79
CA ASP A 169 -12.11 -10.33 -14.16
C ASP A 169 -11.31 -10.08 -12.89
N GLU A 170 -10.10 -10.61 -12.83
CA GLU A 170 -9.26 -10.39 -11.67
C GLU A 170 -8.79 -8.94 -11.66
N THR A 171 -8.57 -8.40 -10.47
CA THR A 171 -8.04 -7.05 -10.35
C THR A 171 -6.55 -7.26 -10.06
N ALA A 172 -5.79 -6.18 -9.92
CA ALA A 172 -4.37 -6.28 -9.60
C ALA A 172 -4.18 -6.94 -8.23
N LEU A 173 -5.18 -6.84 -7.37
CA LEU A 173 -5.07 -7.43 -6.04
C LEU A 173 -5.18 -8.97 -6.08
N HIS A 174 -6.10 -9.48 -6.92
CA HIS A 174 -6.26 -10.94 -7.08
C HIS A 174 -4.93 -11.47 -7.65
N LEU A 175 -4.41 -10.77 -8.67
CA LEU A 175 -3.14 -11.18 -9.30
C LEU A 175 -1.98 -11.13 -8.33
N ALA A 176 -1.91 -10.04 -7.57
CA ALA A 176 -0.82 -9.85 -6.64
C ALA A 176 -0.78 -10.96 -5.58
N VAL A 177 -1.92 -11.23 -4.98
CA VAL A 177 -1.99 -12.25 -3.95
C VAL A 177 -1.50 -13.62 -4.38
N ARG A 178 -1.86 -14.05 -5.59
CA ARG A 178 -1.41 -15.34 -6.06
C ARG A 178 -0.05 -15.33 -6.75
N SER A 179 0.60 -14.18 -6.84
CA SER A 179 1.89 -14.17 -7.51
C SER A 179 3.05 -13.60 -6.67
N VAL A 180 2.79 -13.20 -5.44
CA VAL A 180 3.89 -12.66 -4.64
C VAL A 180 4.37 -13.69 -3.65
N ASP A 181 5.56 -13.46 -3.10
CA ASP A 181 6.14 -14.37 -2.12
C ASP A 181 6.75 -13.57 -0.97
N ARG A 182 7.51 -14.24 -0.11
CA ARG A 182 8.15 -13.59 1.03
C ARG A 182 9.00 -12.39 0.63
N THR A 183 9.43 -12.31 -0.62
CA THR A 183 10.25 -11.18 -1.04
C THR A 183 9.43 -10.06 -1.63
N SER A 184 8.16 -10.34 -1.95
CA SER A 184 7.34 -9.31 -2.59
C SER A 184 5.98 -8.95 -1.96
N LEU A 185 5.80 -9.29 -0.69
CA LEU A 185 4.57 -8.95 0.02
C LEU A 185 4.21 -7.47 -0.10
N HIS A 186 5.22 -6.62 -0.16
CA HIS A 186 4.98 -5.19 -0.27
C HIS A 186 4.16 -4.81 -1.50
N ILE A 187 4.14 -5.67 -2.51
CA ILE A 187 3.36 -5.37 -3.72
C ILE A 187 1.90 -5.50 -3.37
N VAL A 188 1.58 -6.55 -2.60
CA VAL A 188 0.22 -6.77 -2.16
C VAL A 188 -0.20 -5.66 -1.19
N ASP A 189 0.72 -5.29 -0.31
CA ASP A 189 0.47 -4.26 0.69
C ASP A 189 0.13 -2.91 0.06
N PHE A 190 0.88 -2.54 -0.97
CA PHE A 190 0.63 -1.25 -1.61
C PHE A 190 -0.83 -1.20 -2.08
N LEU A 191 -1.28 -2.29 -2.72
CA LEU A 191 -2.65 -2.36 -3.21
C LEU A 191 -3.67 -2.34 -2.06
N VAL A 192 -3.39 -3.09 -1.00
CA VAL A 192 -4.32 -3.12 0.11
C VAL A 192 -4.45 -1.74 0.78
N GLN A 193 -3.34 -1.06 1.03
CA GLN A 193 -3.43 0.24 1.68
C GLN A 193 -3.90 1.41 0.82
N ASN A 194 -4.02 1.21 -0.49
CA ASN A 194 -4.44 2.31 -1.34
C ASN A 194 -5.68 2.02 -2.19
N SER A 195 -6.37 0.92 -1.89
CA SER A 195 -7.58 0.55 -2.60
C SER A 195 -8.77 0.84 -1.67
N GLY A 196 -9.81 1.44 -2.18
CA GLY A 196 -10.95 1.74 -1.31
C GLY A 196 -11.83 0.53 -1.06
N ASN A 197 -11.74 -0.45 -1.95
CA ASN A 197 -12.57 -1.64 -1.83
C ASN A 197 -11.73 -2.90 -2.03
N LEU A 198 -11.50 -3.64 -0.94
CA LEU A 198 -10.71 -4.88 -1.01
C LEU A 198 -11.58 -6.07 -1.30
N ASP A 199 -12.86 -5.84 -1.60
CA ASP A 199 -13.82 -6.91 -1.83
C ASP A 199 -14.21 -7.25 -3.28
N LYS A 200 -13.51 -6.67 -4.26
CA LYS A 200 -13.82 -6.96 -5.66
C LYS A 200 -13.83 -8.47 -5.90
N GLN A 201 -14.77 -8.91 -6.73
CA GLN A 201 -14.94 -10.32 -7.02
C GLN A 201 -14.66 -10.69 -8.47
N THR A 202 -14.16 -11.91 -8.64
CA THR A 202 -13.85 -12.43 -9.96
C THR A 202 -15.18 -12.87 -10.54
N GLY A 203 -15.14 -13.30 -11.80
CA GLY A 203 -16.35 -13.76 -12.45
C GLY A 203 -16.95 -14.94 -11.72
N LYS A 204 -16.17 -15.57 -10.83
CA LYS A 204 -16.68 -16.70 -10.07
C LYS A 204 -16.97 -16.31 -8.62
N GLY A 205 -17.04 -15.01 -8.36
CA GLY A 205 -17.35 -14.53 -7.02
C GLY A 205 -16.20 -14.59 -6.03
N SER A 206 -14.98 -14.81 -6.52
CA SER A 206 -13.87 -14.90 -5.61
C SER A 206 -13.25 -13.54 -5.23
N THR A 207 -13.07 -13.32 -3.94
CA THR A 207 -12.44 -12.10 -3.44
C THR A 207 -10.96 -12.47 -3.20
N ALA A 208 -10.11 -11.48 -2.97
CA ALA A 208 -8.70 -11.79 -2.71
C ALA A 208 -8.57 -12.71 -1.49
N LEU A 209 -9.47 -12.56 -0.52
CA LEU A 209 -9.41 -13.42 0.67
C LEU A 209 -9.60 -14.89 0.25
N HIS A 210 -10.54 -15.16 -0.65
CA HIS A 210 -10.75 -16.54 -1.12
C HIS A 210 -9.44 -17.06 -1.71
N TYR A 211 -8.82 -16.26 -2.57
CA TYR A 211 -7.57 -16.60 -3.22
C TYR A 211 -6.53 -16.98 -2.18
N CYS A 212 -6.46 -16.20 -1.09
CA CYS A 212 -5.50 -16.49 -0.04
C CYS A 212 -5.73 -17.88 0.56
N CYS A 213 -6.99 -18.23 0.80
CA CYS A 213 -7.30 -19.52 1.40
C CYS A 213 -7.03 -20.66 0.44
N LEU A 214 -7.26 -20.45 -0.85
CA LEU A 214 -7.03 -21.49 -1.83
C LEU A 214 -5.55 -21.92 -1.88
N THR A 215 -4.64 -20.97 -1.68
CA THR A 215 -3.20 -21.27 -1.72
C THR A 215 -2.53 -21.23 -0.36
N ASP A 216 -3.32 -21.14 0.70
CA ASP A 216 -2.80 -21.04 2.06
C ASP A 216 -1.77 -19.92 2.18
N ASN A 217 -2.17 -18.73 1.73
CA ASN A 217 -1.32 -17.56 1.78
C ASN A 217 -1.72 -16.72 2.99
N ALA A 218 -1.27 -17.17 4.16
CA ALA A 218 -1.60 -16.51 5.42
C ALA A 218 -1.03 -15.11 5.60
N GLU A 219 0.11 -14.81 4.99
CA GLU A 219 0.67 -13.48 5.13
C GLU A 219 -0.17 -12.48 4.31
N CYS A 220 -0.57 -12.86 3.10
CA CYS A 220 -1.40 -11.94 2.34
C CYS A 220 -2.74 -11.82 3.07
N LEU A 221 -3.23 -12.93 3.62
CA LEU A 221 -4.49 -12.92 4.34
C LEU A 221 -4.42 -11.91 5.49
N LYS A 222 -3.30 -11.88 6.20
CA LYS A 222 -3.14 -10.94 7.31
C LYS A 222 -3.21 -9.49 6.86
N LEU A 223 -2.63 -9.17 5.70
CA LEU A 223 -2.68 -7.81 5.20
C LEU A 223 -4.13 -7.44 4.91
N LEU A 224 -4.86 -8.36 4.28
CA LEU A 224 -6.25 -8.10 3.92
C LEU A 224 -7.13 -7.89 5.16
N LEU A 225 -6.95 -8.70 6.20
CA LEU A 225 -7.76 -8.55 7.39
C LEU A 225 -7.40 -7.22 8.05
N ARG A 226 -6.12 -6.86 8.05
CA ARG A 226 -5.71 -5.58 8.62
C ARG A 226 -6.50 -4.49 7.89
N GLY A 227 -6.69 -4.66 6.59
CA GLY A 227 -7.43 -3.69 5.80
C GLY A 227 -8.94 -3.88 5.91
N LYS A 228 -9.36 -4.79 6.76
CA LYS A 228 -10.77 -5.05 6.97
C LYS A 228 -11.51 -5.53 5.72
N ALA A 229 -10.87 -6.41 4.94
CA ALA A 229 -11.56 -6.96 3.77
C ALA A 229 -12.72 -7.76 4.40
N SER A 230 -13.87 -7.82 3.74
CA SER A 230 -15.00 -8.53 4.33
C SER A 230 -14.87 -10.06 4.26
N ILE A 231 -14.91 -10.71 5.41
CA ILE A 231 -14.77 -12.16 5.46
C ILE A 231 -16.03 -12.94 5.13
N GLU A 232 -17.18 -12.27 5.08
CA GLU A 232 -18.42 -12.97 4.81
C GLU A 232 -18.88 -13.07 3.36
N ILE A 233 -18.16 -12.44 2.44
CA ILE A 233 -18.57 -12.53 1.04
C ILE A 233 -18.29 -13.93 0.54
N ALA A 234 -19.30 -14.56 -0.07
CA ALA A 234 -19.18 -15.93 -0.58
C ALA A 234 -18.94 -15.94 -2.08
N ASN A 235 -18.27 -16.98 -2.58
CA ASN A 235 -18.05 -17.06 -4.02
C ASN A 235 -19.32 -17.69 -4.65
N GLU A 236 -19.33 -17.81 -5.98
CA GLU A 236 -20.50 -18.34 -6.68
C GLU A 236 -20.97 -19.72 -6.21
N SER A 237 -20.07 -20.49 -5.62
CA SER A 237 -20.41 -21.83 -5.14
C SER A 237 -20.91 -21.80 -3.71
N GLY A 238 -21.03 -20.58 -3.17
CA GLY A 238 -21.53 -20.43 -1.82
C GLY A 238 -20.50 -20.48 -0.70
N GLU A 239 -19.23 -20.57 -1.04
CA GLU A 239 -18.21 -20.62 -0.01
C GLU A 239 -17.67 -19.27 0.40
N THR A 240 -17.35 -19.16 1.67
CA THR A 240 -16.72 -17.96 2.23
C THR A 240 -15.25 -18.37 2.35
N PRO A 241 -14.36 -17.41 2.62
CA PRO A 241 -12.97 -17.83 2.74
C PRO A 241 -12.74 -18.82 3.88
N LEU A 242 -13.47 -18.65 4.98
CA LEU A 242 -13.31 -19.58 6.11
C LEU A 242 -13.69 -20.99 5.69
N ASP A 243 -14.75 -21.11 4.87
CA ASP A 243 -15.18 -22.41 4.38
C ASP A 243 -14.02 -23.05 3.61
N ILE A 244 -13.40 -22.29 2.72
CA ILE A 244 -12.30 -22.85 1.93
C ILE A 244 -11.14 -23.29 2.82
N ALA A 245 -10.78 -22.44 3.78
CA ALA A 245 -9.68 -22.79 4.68
C ALA A 245 -9.92 -24.11 5.42
N LYS A 246 -11.12 -24.28 5.97
CA LYS A 246 -11.47 -25.48 6.74
C LYS A 246 -11.34 -26.71 5.85
N ARG A 247 -12.04 -26.67 4.72
CA ARG A 247 -12.05 -27.74 3.73
C ARG A 247 -10.66 -28.25 3.30
N LEU A 248 -9.76 -27.33 2.98
CA LEU A 248 -8.41 -27.70 2.55
C LEU A 248 -7.52 -27.93 3.75
N LYS A 249 -8.07 -27.74 4.94
CA LYS A 249 -7.31 -27.92 6.18
C LYS A 249 -6.14 -26.93 6.31
N HIS A 250 -6.31 -25.71 5.80
CA HIS A 250 -5.25 -24.71 5.93
C HIS A 250 -5.43 -24.05 7.29
N GLU A 251 -4.82 -24.68 8.29
CA GLU A 251 -4.90 -24.27 9.69
C GLU A 251 -4.62 -22.80 9.98
N HIS A 252 -3.47 -22.29 9.54
CA HIS A 252 -3.13 -20.90 9.80
C HIS A 252 -4.25 -19.98 9.30
N CYS A 253 -4.66 -20.14 8.05
CA CYS A 253 -5.72 -19.30 7.52
C CYS A 253 -7.01 -19.45 8.31
N GLU A 254 -7.29 -20.66 8.78
CA GLU A 254 -8.51 -20.86 9.53
C GLU A 254 -8.45 -20.07 10.83
N GLU A 255 -7.35 -20.25 11.57
CA GLU A 255 -7.17 -19.56 12.83
C GLU A 255 -7.31 -18.03 12.70
N LEU A 256 -6.70 -17.46 11.66
CA LEU A 256 -6.74 -16.01 11.44
C LEU A 256 -8.17 -15.55 11.15
N LEU A 257 -8.85 -16.23 10.23
CA LEU A 257 -10.22 -15.86 9.91
C LEU A 257 -11.16 -16.06 11.11
N THR A 258 -10.90 -17.10 11.89
CA THR A 258 -11.73 -17.38 13.07
C THR A 258 -11.54 -16.28 14.12
N GLN A 259 -10.31 -15.75 14.20
CA GLN A 259 -9.98 -14.67 15.14
C GLN A 259 -10.82 -13.49 14.72
N ALA A 260 -10.71 -13.15 13.45
CA ALA A 260 -11.44 -12.02 12.90
C ALA A 260 -12.93 -12.22 13.09
N LEU A 261 -13.42 -13.40 12.73
CA LEU A 261 -14.84 -13.71 12.85
C LEU A 261 -15.32 -13.42 14.28
N SER A 262 -14.52 -13.78 15.27
CA SER A 262 -14.87 -13.56 16.67
C SER A 262 -14.49 -12.16 17.16
N GLY A 263 -14.22 -11.26 16.21
CA GLY A 263 -13.85 -9.90 16.54
C GLY A 263 -12.61 -9.71 17.39
N ARG A 264 -11.68 -10.67 17.32
CA ARG A 264 -10.46 -10.60 18.11
C ARG A 264 -9.18 -10.61 17.27
N PHE A 265 -9.20 -9.95 16.11
CA PHE A 265 -8.01 -9.92 15.26
C PHE A 265 -6.90 -8.97 15.74
N ASN A 266 -5.65 -9.35 15.44
CA ASN A 266 -4.44 -8.62 15.83
C ASN A 266 -4.37 -7.12 15.53
N SER A 267 -3.75 -6.39 16.45
CA SER A 267 -3.57 -4.95 16.32
C SER A 267 -2.33 -4.71 15.46
N HIS A 268 -1.16 -4.91 16.04
CA HIS A 268 0.08 -4.73 15.30
C HIS A 268 0.30 -6.02 14.53
N VAL A 269 -0.04 -5.97 13.25
CA VAL A 269 0.09 -7.12 12.39
C VAL A 269 1.52 -7.30 11.87
N HIS A 270 2.08 -8.45 12.17
CA HIS A 270 3.43 -8.79 11.72
C HIS A 270 3.31 -9.80 10.60
N VAL A 271 4.22 -9.73 9.64
CA VAL A 271 4.19 -10.68 8.54
C VAL A 271 5.60 -11.15 8.27
N GLU A 272 5.72 -12.35 7.71
CA GLU A 272 7.01 -12.95 7.38
C GLU A 272 7.48 -12.32 6.07
N TYR A 273 8.57 -11.56 6.14
CA TYR A 273 9.09 -10.88 4.97
C TYR A 273 10.62 -10.87 4.94
N GLU A 274 11.18 -10.72 3.75
CA GLU A 274 12.62 -10.70 3.58
C GLU A 274 13.10 -9.27 3.84
N TRP A 275 13.24 -8.92 5.12
CA TRP A 275 13.67 -7.59 5.49
C TRP A 275 15.11 -7.36 5.09
N ARG A 276 15.86 -8.46 5.02
CA ARG A 276 17.27 -8.41 4.66
C ARG A 276 18.05 -7.50 5.61
N LEU A 277 17.82 -7.68 6.89
CA LEU A 277 18.53 -6.90 7.89
C LEU A 277 19.50 -7.87 8.56
N LEU A 278 20.57 -8.20 7.86
CA LEU A 278 21.56 -9.13 8.41
C LEU A 278 22.94 -8.50 8.49
#